data_2GY5
#
_entry.id   2GY5
#
_cell.length_a   114.653
_cell.length_b   114.653
_cell.length_c   113.774
_cell.angle_alpha   90.00
_cell.angle_beta   90.00
_cell.angle_gamma   90.00
#
_symmetry.space_group_name_H-M   'P 41 21 2'
#
loop_
_entity.id
_entity.type
_entity.pdbx_description
1 polymer 'Angiopoietin-1 receptor'
2 non-polymer 2-acetamido-2-deoxy-beta-D-glucopyranose
3 non-polymer 2-acetamido-2-deoxy-alpha-D-glucopyranose
4 non-polymer 'SULFATE ION'
#
_entity_poly.entity_id   1
_entity_poly.type   'polypeptide(L)'
_entity_poly.pdbx_seq_one_letter_code
;AMDLILINSLPLVSDAETSLTCIASGWRPHEPITIGRDFEALMNQHQDPLEVTQDVTREWAKKVVWKREKASKINGAYFC
EGRVRGEAIRIRTMKMRQQASFLPATLTMTVDKGDNVNISFKKVLIKEEDAVIYKNGSFIHSVPRHEVPDILEVHLPHAQ
PQDAGVYSARYIGGNLFTSAFTRLIVRRCEAQKWGPECNHLCTACMNNGVCHEDTGECICPPGFMGRTCEKACELHTFGR
TCKERCSGQEGCKSYVFCLPDPYGCSCATGWKGLQCNEACHPGFYGPDCKLRCSCNNGEMCDRFQGCLCSPGWQGLQCER
EGIPRMTPKIVDLPDHIEVNSGKFNPICKASGWPLPTNEEMTLVKPDGTVLHPKDFNHTDHFSVAIFTIHRILPPDSGVW
VCSVNTVAGMVEKPFNISVKVLP
;
_entity_poly.pdbx_strand_id   A
#
# COMPACT_ATOMS: atom_id res chain seq x y z
N ALA A 1 -8.76 10.74 0.02
CA ALA A 1 -9.09 10.93 -1.42
C ALA A 1 -8.15 10.14 -2.34
N MET A 2 -7.10 9.53 -1.78
CA MET A 2 -6.14 8.78 -2.56
C MET A 2 -5.71 7.44 -1.97
N ASP A 3 -6.61 6.75 -1.27
CA ASP A 3 -6.28 5.45 -0.67
C ASP A 3 -6.64 4.31 -1.63
N LEU A 4 -5.75 4.08 -2.60
CA LEU A 4 -5.93 3.04 -3.61
C LEU A 4 -5.15 1.80 -3.20
N ILE A 5 -5.72 0.62 -3.36
CA ILE A 5 -5.01 -0.61 -3.00
C ILE A 5 -5.23 -1.65 -4.07
N LEU A 6 -4.17 -2.16 -4.67
CA LEU A 6 -4.32 -3.21 -5.68
C LEU A 6 -4.16 -4.57 -5.00
N ILE A 7 -5.11 -5.47 -5.20
CA ILE A 7 -4.99 -6.80 -4.62
C ILE A 7 -4.62 -7.82 -5.69
N ASN A 8 -3.40 -8.34 -5.64
CA ASN A 8 -2.96 -9.33 -6.63
C ASN A 8 -3.28 -10.72 -6.12
N SER A 9 -4.49 -11.20 -6.39
CA SER A 9 -4.92 -12.51 -5.94
C SER A 9 -4.07 -13.57 -6.60
N LEU A 10 -2.91 -13.79 -5.97
CA LEU A 10 -1.89 -14.75 -6.36
C LEU A 10 -1.07 -14.31 -7.56
N PRO A 11 0.16 -13.84 -7.32
CA PRO A 11 1.05 -13.40 -8.39
C PRO A 11 1.60 -14.59 -9.20
N LEU A 12 1.63 -15.78 -8.59
CA LEU A 12 2.07 -16.99 -9.29
C LEU A 12 0.84 -17.65 -9.93
N VAL A 13 0.83 -17.70 -11.25
CA VAL A 13 -0.28 -18.25 -12.01
C VAL A 13 -0.16 -19.72 -12.38
N SER A 14 -1.29 -20.43 -12.35
CA SER A 14 -1.34 -21.84 -12.72
C SER A 14 -2.68 -22.19 -13.39
N ASP A 15 -3.21 -23.38 -13.10
CA ASP A 15 -4.46 -23.80 -13.70
C ASP A 15 -5.67 -23.10 -13.07
N ALA A 16 -5.59 -22.76 -11.79
CA ALA A 16 -6.68 -22.07 -11.12
C ALA A 16 -6.86 -20.67 -11.68
N GLU A 17 -7.96 -20.01 -11.35
CA GLU A 17 -8.15 -18.66 -11.86
C GLU A 17 -7.40 -17.67 -10.96
N THR A 18 -6.91 -16.58 -11.54
CA THR A 18 -6.20 -15.53 -10.82
C THR A 18 -6.87 -14.20 -11.17
N SER A 19 -6.75 -13.21 -10.29
CA SER A 19 -7.33 -11.93 -10.57
C SER A 19 -6.47 -10.78 -10.09
N LEU A 20 -7.00 -9.59 -10.26
CA LEU A 20 -6.34 -8.35 -9.90
C LEU A 20 -7.47 -7.37 -9.57
N THR A 21 -7.57 -6.98 -8.30
CA THR A 21 -8.61 -6.03 -7.88
C THR A 21 -7.98 -4.72 -7.42
N CYS A 22 -8.49 -3.62 -7.96
CA CYS A 22 -8.01 -2.29 -7.64
C CYS A 22 -9.15 -1.68 -6.83
N ILE A 23 -8.85 -1.26 -5.61
CA ILE A 23 -9.85 -0.75 -4.71
C ILE A 23 -9.68 0.70 -4.22
N ALA A 24 -10.76 1.46 -4.28
CA ALA A 24 -10.77 2.83 -3.79
C ALA A 24 -11.37 2.73 -2.40
N SER A 25 -10.65 3.14 -1.37
CA SER A 25 -11.19 3.02 -0.04
C SER A 25 -11.61 4.34 0.61
N GLY A 26 -12.92 4.51 0.76
CA GLY A 26 -13.50 5.69 1.39
C GLY A 26 -13.65 6.93 0.54
N TRP A 27 -13.73 6.75 -0.77
CA TRP A 27 -13.88 7.89 -1.66
C TRP A 27 -14.36 7.42 -3.04
N ARG A 28 -15.44 8.05 -3.49
CA ARG A 28 -16.06 7.75 -4.77
C ARG A 28 -15.15 8.38 -5.79
N PRO A 29 -14.45 7.55 -6.59
CA PRO A 29 -13.54 8.11 -7.61
C PRO A 29 -14.33 8.96 -8.60
N HIS A 30 -13.74 10.07 -9.02
CA HIS A 30 -14.41 10.96 -9.96
C HIS A 30 -13.96 10.75 -11.39
N GLU A 31 -12.99 9.86 -11.56
CA GLU A 31 -12.46 9.50 -12.86
C GLU A 31 -12.27 7.99 -12.80
N PRO A 32 -12.59 7.29 -13.89
CA PRO A 32 -12.48 5.83 -13.96
C PRO A 32 -11.18 5.24 -13.44
N ILE A 33 -11.29 4.20 -12.61
CA ILE A 33 -10.10 3.54 -12.10
C ILE A 33 -9.61 2.77 -13.33
N THR A 34 -8.29 2.70 -13.52
CA THR A 34 -7.72 2.00 -14.67
C THR A 34 -6.91 0.76 -14.28
N ILE A 35 -7.06 -0.30 -15.05
CA ILE A 35 -6.31 -1.53 -14.81
C ILE A 35 -5.82 -2.02 -16.17
N GLY A 36 -4.53 -2.33 -16.27
CA GLY A 36 -4.02 -2.78 -17.54
C GLY A 36 -2.58 -3.23 -17.52
N ARG A 37 -2.02 -3.48 -18.71
CA ARG A 37 -0.63 -3.93 -18.80
C ARG A 37 0.28 -2.73 -18.78
N ASP A 38 1.38 -2.84 -18.02
CA ASP A 38 2.33 -1.74 -17.92
C ASP A 38 3.43 -1.94 -18.95
N PHE A 39 3.14 -1.60 -20.20
CA PHE A 39 4.12 -1.78 -21.28
C PHE A 39 5.49 -1.13 -21.04
N GLU A 40 5.53 0.00 -20.35
CA GLU A 40 6.81 0.65 -20.07
C GLU A 40 7.58 -0.15 -19.02
N ALA A 41 6.87 -0.81 -18.12
CA ALA A 41 7.48 -1.57 -17.05
C ALA A 41 8.24 -2.80 -17.54
N LEU A 42 7.73 -3.38 -18.63
CA LEU A 42 8.30 -4.58 -19.24
C LEU A 42 7.84 -4.64 -20.70
N MET A 43 8.81 -4.62 -21.63
CA MET A 43 8.50 -4.66 -23.06
C MET A 43 8.19 -6.06 -23.58
N ASN A 44 7.96 -6.17 -24.89
CA ASN A 44 7.64 -7.44 -25.53
C ASN A 44 6.43 -8.16 -24.92
N GLN A 45 5.57 -7.42 -24.23
CA GLN A 45 4.38 -8.00 -23.61
C GLN A 45 3.23 -8.18 -24.59
N HIS A 46 2.33 -9.12 -24.30
CA HIS A 46 1.19 -9.37 -25.18
C HIS A 46 0.25 -8.18 -25.08
N GLN A 47 -0.62 -8.01 -26.08
CA GLN A 47 -1.54 -6.87 -26.06
C GLN A 47 -3.02 -7.23 -26.06
N ASP A 48 -3.36 -8.40 -25.52
CA ASP A 48 -4.77 -8.81 -25.47
C ASP A 48 -5.49 -7.82 -24.58
N PRO A 49 -6.73 -7.43 -24.94
CA PRO A 49 -7.48 -6.48 -24.11
C PRO A 49 -7.98 -7.17 -22.83
N LEU A 50 -7.84 -6.50 -21.69
CA LEU A 50 -8.28 -7.09 -20.43
C LEU A 50 -9.76 -6.82 -20.18
N GLU A 51 -10.45 -7.79 -19.59
CA GLU A 51 -11.87 -7.65 -19.26
C GLU A 51 -12.01 -7.10 -17.84
N VAL A 52 -12.23 -5.79 -17.73
CA VAL A 52 -12.34 -5.16 -16.43
C VAL A 52 -13.79 -4.92 -16.00
N THR A 53 -14.24 -5.64 -14.97
CA THR A 53 -15.60 -5.49 -14.46
C THR A 53 -15.58 -4.91 -13.06
N GLN A 54 -16.73 -4.43 -12.61
CA GLN A 54 -16.86 -3.87 -11.28
C GLN A 54 -16.92 -4.98 -10.23
N ASP A 55 -16.18 -4.80 -9.15
CA ASP A 55 -16.17 -5.77 -8.06
C ASP A 55 -17.24 -5.30 -7.08
N VAL A 56 -18.41 -5.94 -7.13
CA VAL A 56 -19.53 -5.54 -6.29
C VAL A 56 -19.42 -5.89 -4.80
N THR A 57 -18.27 -6.38 -4.37
CA THR A 57 -18.10 -6.73 -2.96
C THR A 57 -17.30 -5.70 -2.16
N ARG A 58 -17.06 -4.53 -2.76
CA ARG A 58 -16.29 -3.50 -2.06
C ARG A 58 -16.59 -2.06 -2.44
N GLU A 59 -17.86 -1.69 -2.60
CA GLU A 59 -18.20 -0.31 -2.94
C GLU A 59 -17.51 0.12 -4.23
N TRP A 60 -16.46 0.91 -4.12
CA TRP A 60 -15.76 1.34 -5.32
C TRP A 60 -14.54 0.49 -5.56
N ALA A 61 -14.65 -0.41 -6.54
CA ALA A 61 -13.55 -1.30 -6.89
C ALA A 61 -13.72 -1.95 -8.26
N LYS A 62 -12.62 -2.06 -8.99
CA LYS A 62 -12.64 -2.68 -10.31
C LYS A 62 -11.75 -3.93 -10.28
N LYS A 63 -12.09 -4.94 -11.07
CA LYS A 63 -11.27 -6.15 -11.10
C LYS A 63 -11.16 -6.79 -12.46
N VAL A 64 -10.12 -7.58 -12.63
CA VAL A 64 -9.89 -8.30 -13.85
C VAL A 64 -9.75 -9.74 -13.39
N VAL A 65 -10.54 -10.64 -13.96
CA VAL A 65 -10.46 -12.04 -13.58
C VAL A 65 -10.09 -12.84 -14.83
N TRP A 66 -9.16 -13.77 -14.67
CA TRP A 66 -8.74 -14.56 -15.81
C TRP A 66 -9.34 -15.95 -15.77
N LYS A 67 -10.11 -16.27 -16.81
CA LYS A 67 -10.81 -17.55 -16.96
C LYS A 67 -9.92 -18.75 -16.60
N ARG A 68 -10.39 -19.57 -15.66
CA ARG A 68 -9.65 -20.74 -15.20
C ARG A 68 -9.11 -21.55 -16.38
N GLU A 69 -7.86 -22.01 -16.25
CA GLU A 69 -7.18 -22.80 -17.28
C GLU A 69 -7.11 -22.14 -18.66
N LYS A 70 -7.66 -20.92 -18.76
CA LYS A 70 -7.60 -20.16 -20.01
C LYS A 70 -6.57 -19.10 -19.65
N ALA A 71 -5.81 -19.44 -18.61
CA ALA A 71 -4.76 -18.60 -18.07
C ALA A 71 -3.51 -18.79 -18.93
N SER A 72 -3.63 -18.46 -20.20
CA SER A 72 -2.52 -18.59 -21.13
C SER A 72 -1.35 -17.69 -20.72
N LYS A 73 -0.81 -16.93 -21.67
CA LYS A 73 0.29 -16.03 -21.35
C LYS A 73 -0.20 -14.71 -20.77
N ILE A 74 -0.40 -14.68 -19.44
CA ILE A 74 -0.82 -13.47 -18.77
C ILE A 74 0.36 -12.92 -17.97
N ASN A 75 1.52 -13.54 -18.18
CA ASN A 75 2.74 -13.12 -17.51
C ASN A 75 2.99 -11.68 -17.91
N GLY A 76 3.41 -10.86 -16.97
CA GLY A 76 3.68 -9.48 -17.33
C GLY A 76 3.45 -8.49 -16.22
N ALA A 77 3.91 -7.27 -16.43
CA ALA A 77 3.75 -6.23 -15.44
C ALA A 77 2.41 -5.55 -15.63
N TYR A 78 1.65 -5.41 -14.54
CA TYR A 78 0.35 -4.77 -14.59
C TYR A 78 0.35 -3.53 -13.71
N PHE A 79 -0.73 -2.76 -13.77
CA PHE A 79 -0.83 -1.56 -12.96
C PHE A 79 -2.29 -1.11 -12.89
N CYS A 80 -2.62 -0.35 -11.84
CA CYS A 80 -3.97 0.18 -11.74
C CYS A 80 -3.82 1.58 -11.20
N GLU A 81 -4.29 2.51 -12.01
CA GLU A 81 -4.19 3.93 -11.74
C GLU A 81 -5.48 4.61 -11.32
N GLY A 82 -5.32 5.62 -10.47
CA GLY A 82 -6.45 6.41 -9.99
C GLY A 82 -6.10 7.87 -10.24
N ARG A 83 -6.98 8.60 -10.91
CA ARG A 83 -6.72 10.02 -11.20
C ARG A 83 -7.56 10.92 -10.31
N VAL A 84 -6.87 11.75 -9.52
CA VAL A 84 -7.54 12.66 -8.61
C VAL A 84 -7.07 14.10 -8.85
N ARG A 85 -7.95 14.89 -9.45
CA ARG A 85 -7.67 16.30 -9.77
C ARG A 85 -6.36 16.53 -10.50
N GLY A 86 -6.09 15.74 -11.53
CA GLY A 86 -4.87 15.94 -12.28
C GLY A 86 -3.70 15.08 -11.83
N GLU A 87 -3.79 14.49 -10.64
CA GLU A 87 -2.72 13.64 -10.14
C GLU A 87 -3.07 12.18 -10.36
N ALA A 88 -2.10 11.38 -10.77
CA ALA A 88 -2.35 9.97 -11.00
C ALA A 88 -1.69 9.15 -9.91
N ILE A 89 -2.43 8.19 -9.38
CA ILE A 89 -1.91 7.33 -8.34
C ILE A 89 -1.69 5.96 -8.98
N ARG A 90 -0.43 5.57 -9.13
CA ARG A 90 -0.13 4.30 -9.75
C ARG A 90 0.42 3.22 -8.80
N ILE A 91 -0.06 1.99 -8.99
CA ILE A 91 0.39 0.83 -8.21
C ILE A 91 0.67 -0.28 -9.22
N ARG A 92 1.83 -0.91 -9.11
CA ARG A 92 2.20 -1.95 -10.05
C ARG A 92 2.45 -3.35 -9.46
N THR A 93 2.32 -4.38 -10.31
CA THR A 93 2.56 -5.77 -9.92
C THR A 93 2.81 -6.55 -11.19
N MET A 94 3.19 -7.82 -11.04
CA MET A 94 3.44 -8.70 -12.18
C MET A 94 2.77 -10.04 -11.97
N LYS A 95 2.70 -10.82 -13.05
CA LYS A 95 2.12 -12.17 -13.09
C LYS A 95 3.16 -13.03 -13.79
N MET A 96 3.25 -14.31 -13.42
CA MET A 96 4.24 -15.23 -13.99
C MET A 96 3.82 -16.69 -13.83
N ARG A 97 4.30 -17.55 -14.73
CA ARG A 97 3.97 -18.98 -14.67
C ARG A 97 4.52 -19.56 -13.38
N GLN A 98 3.63 -20.19 -12.60
CA GLN A 98 4.00 -20.83 -11.35
C GLN A 98 5.01 -21.93 -11.64
N GLN A 99 4.89 -22.53 -12.82
CA GLN A 99 5.75 -23.61 -13.30
C GLN A 99 7.20 -23.13 -13.47
N ALA A 100 7.43 -21.82 -13.46
CA ALA A 100 8.75 -21.21 -13.62
C ALA A 100 9.99 -21.98 -13.15
N SER A 101 11.11 -21.73 -13.84
CA SER A 101 12.39 -22.36 -13.55
C SER A 101 13.08 -21.69 -12.36
N PHE A 102 12.77 -20.42 -12.17
CA PHE A 102 13.29 -19.62 -11.07
C PHE A 102 12.13 -18.88 -10.48
N LEU A 103 12.09 -18.75 -9.16
CA LEU A 103 11.04 -17.98 -8.52
C LEU A 103 11.72 -16.71 -8.04
N PRO A 104 11.00 -15.59 -8.01
CA PRO A 104 11.49 -14.28 -7.58
C PRO A 104 12.02 -14.00 -6.17
N ALA A 105 11.90 -14.91 -5.22
CA ALA A 105 12.41 -14.63 -3.86
C ALA A 105 11.57 -13.54 -3.15
N THR A 106 11.32 -12.44 -3.86
CA THR A 106 10.51 -11.34 -3.35
C THR A 106 9.87 -10.68 -4.58
N LEU A 107 8.59 -10.31 -4.48
CA LEU A 107 7.91 -9.70 -5.61
C LEU A 107 8.47 -8.32 -5.92
N THR A 108 8.59 -7.48 -4.90
CA THR A 108 9.16 -6.15 -5.07
C THR A 108 10.14 -5.96 -3.92
N MET A 109 11.04 -4.99 -4.08
CA MET A 109 12.02 -4.69 -3.05
C MET A 109 12.25 -3.19 -3.08
N THR A 110 12.27 -2.57 -1.91
CA THR A 110 12.48 -1.13 -1.82
C THR A 110 13.81 -0.83 -1.14
N VAL A 111 14.55 0.10 -1.72
CA VAL A 111 15.84 0.50 -1.21
C VAL A 111 15.96 2.01 -1.30
N ASP A 112 17.03 2.55 -0.72
CA ASP A 112 17.27 3.98 -0.75
C ASP A 112 18.28 4.27 -1.85
N LYS A 113 18.31 5.52 -2.32
CA LYS A 113 19.22 5.90 -3.39
C LYS A 113 20.64 5.46 -3.07
N GLY A 114 21.01 5.43 -1.80
CA GLY A 114 22.35 4.99 -1.47
C GLY A 114 22.49 3.49 -1.71
N ASP A 115 21.80 2.75 -0.85
CA ASP A 115 21.73 1.29 -0.83
C ASP A 115 22.39 0.42 -1.90
N ASN A 116 23.10 -0.60 -1.43
CA ASN A 116 23.73 -1.56 -2.33
C ASN A 116 22.74 -2.72 -2.43
N VAL A 117 22.02 -2.76 -3.55
CA VAL A 117 21.03 -3.79 -3.79
C VAL A 117 21.61 -5.18 -4.10
N ASN A 118 20.80 -6.20 -3.84
CA ASN A 118 21.20 -7.58 -4.07
C ASN A 118 20.00 -8.38 -4.61
N ILE A 119 19.71 -8.25 -5.90
CA ILE A 119 18.58 -8.94 -6.52
C ILE A 119 18.77 -10.45 -6.73
N SER A 120 17.94 -11.25 -6.06
CA SER A 120 18.04 -12.71 -6.15
C SER A 120 16.78 -13.51 -6.49
N PHE A 121 16.98 -14.60 -7.23
CA PHE A 121 15.92 -15.51 -7.64
C PHE A 121 16.32 -16.89 -7.16
N LYS A 122 15.34 -17.68 -6.71
CA LYS A 122 15.63 -19.03 -6.25
C LYS A 122 15.44 -20.07 -7.36
N LYS A 123 16.45 -20.90 -7.58
CA LYS A 123 16.40 -21.93 -8.61
C LYS A 123 15.40 -23.04 -8.25
N VAL A 124 14.52 -23.36 -9.20
CA VAL A 124 13.52 -24.39 -9.00
C VAL A 124 13.76 -25.63 -9.89
N LEU A 125 13.95 -25.40 -11.19
CA LEU A 125 14.20 -26.47 -12.15
C LEU A 125 15.65 -26.48 -12.57
N ILE A 126 16.27 -27.67 -12.51
CA ILE A 126 17.68 -27.82 -12.89
C ILE A 126 17.78 -28.27 -14.34
N LYS A 127 18.20 -27.35 -15.22
CA LYS A 127 18.38 -27.63 -16.63
C LYS A 127 19.83 -27.41 -16.94
N GLU A 128 20.42 -28.24 -17.80
CA GLU A 128 21.83 -28.07 -18.14
C GLU A 128 22.05 -26.98 -19.19
N GLU A 129 21.84 -25.73 -18.81
CA GLU A 129 22.06 -24.61 -19.72
C GLU A 129 22.20 -23.27 -19.00
N ASP A 130 22.64 -22.26 -19.75
CA ASP A 130 22.87 -20.92 -19.22
C ASP A 130 21.64 -20.25 -18.63
N ALA A 131 21.87 -19.49 -17.57
CA ALA A 131 20.82 -18.75 -16.89
C ALA A 131 21.08 -17.26 -17.13
N VAL A 132 20.02 -16.50 -17.37
CA VAL A 132 20.18 -15.07 -17.62
C VAL A 132 19.15 -14.23 -16.87
N ILE A 133 19.59 -13.03 -16.52
CA ILE A 133 18.78 -12.08 -15.80
C ILE A 133 18.64 -10.83 -16.62
N TYR A 134 17.46 -10.57 -17.14
CA TYR A 134 17.20 -9.38 -17.95
C TYR A 134 16.56 -8.27 -17.12
N LYS A 135 16.32 -7.14 -17.76
CA LYS A 135 15.68 -5.99 -17.13
C LYS A 135 14.83 -5.29 -18.18
N ASN A 136 13.55 -5.63 -18.25
CA ASN A 136 12.61 -5.05 -19.22
C ASN A 136 12.79 -5.63 -20.62
N GLY A 137 14.03 -5.77 -21.05
CA GLY A 137 14.31 -6.32 -22.36
C GLY A 137 15.81 -6.42 -22.56
N SER A 138 16.55 -5.56 -21.87
CA SER A 138 17.99 -5.54 -21.99
C SER A 138 18.74 -6.49 -21.06
N PHE A 139 19.96 -6.83 -21.47
CA PHE A 139 20.85 -7.73 -20.74
C PHE A 139 21.32 -7.12 -19.42
N ILE A 140 21.64 -7.96 -18.45
CA ILE A 140 22.09 -7.47 -17.14
C ILE A 140 23.12 -8.41 -16.54
N HIS A 141 22.85 -9.71 -16.61
CA HIS A 141 23.76 -10.67 -16.03
C HIS A 141 23.66 -12.00 -16.76
N SER A 142 24.65 -12.86 -16.56
CA SER A 142 24.67 -14.17 -17.20
C SER A 142 25.48 -15.16 -16.38
N VAL A 143 25.03 -16.41 -16.36
CA VAL A 143 25.74 -17.43 -15.63
C VAL A 143 25.97 -18.64 -16.53
N PRO A 144 27.17 -19.23 -16.46
CA PRO A 144 27.51 -20.39 -17.28
C PRO A 144 26.79 -21.69 -16.91
N ARG A 145 26.51 -22.49 -17.93
CA ARG A 145 25.82 -23.76 -17.83
C ARG A 145 26.04 -24.55 -16.55
N HIS A 146 27.21 -25.17 -16.42
CA HIS A 146 27.56 -25.99 -15.26
C HIS A 146 27.84 -25.21 -13.97
N GLU A 147 27.52 -23.92 -13.93
CA GLU A 147 27.79 -23.14 -12.75
C GLU A 147 26.63 -22.27 -12.24
N VAL A 148 25.40 -22.66 -12.59
CA VAL A 148 24.20 -21.93 -12.18
C VAL A 148 23.81 -22.39 -10.77
N PRO A 149 24.05 -21.55 -9.75
CA PRO A 149 23.75 -21.86 -8.34
C PRO A 149 22.29 -21.91 -7.88
N ASP A 150 22.09 -22.42 -6.67
CA ASP A 150 20.77 -22.54 -6.05
C ASP A 150 20.05 -21.22 -5.93
N ILE A 151 20.81 -20.13 -5.98
CA ILE A 151 20.24 -18.80 -5.92
C ILE A 151 20.96 -17.95 -6.95
N LEU A 152 20.17 -17.41 -7.87
CA LEU A 152 20.66 -16.60 -8.98
C LEU A 152 20.56 -15.11 -8.65
N GLU A 153 21.67 -14.47 -8.28
CA GLU A 153 21.63 -13.04 -7.93
C GLU A 153 22.32 -12.10 -8.91
N VAL A 154 22.03 -10.81 -8.75
CA VAL A 154 22.63 -9.75 -9.56
C VAL A 154 23.02 -8.77 -8.48
N HIS A 155 24.24 -8.28 -8.50
CA HIS A 155 24.64 -7.33 -7.48
C HIS A 155 24.62 -5.90 -7.97
N LEU A 156 23.78 -5.09 -7.33
CA LEU A 156 23.66 -3.67 -7.67
C LEU A 156 24.31 -2.84 -6.57
N PRO A 157 25.57 -2.46 -6.75
CA PRO A 157 26.20 -1.65 -5.70
C PRO A 157 25.77 -0.20 -5.94
N HIS A 158 25.50 0.53 -4.86
CA HIS A 158 25.07 1.93 -4.95
C HIS A 158 23.93 2.13 -5.96
N ALA A 159 22.80 1.47 -5.71
CA ALA A 159 21.63 1.53 -6.57
C ALA A 159 21.09 2.93 -6.82
N GLN A 160 20.90 3.27 -8.08
CA GLN A 160 20.38 4.57 -8.44
C GLN A 160 18.98 4.44 -9.02
N PRO A 161 18.24 5.55 -9.07
CA PRO A 161 16.88 5.56 -9.60
C PRO A 161 16.72 4.84 -10.94
N GLN A 162 17.75 4.90 -11.78
CA GLN A 162 17.68 4.26 -13.08
C GLN A 162 17.68 2.73 -12.97
N ASP A 163 18.19 2.22 -11.84
CA ASP A 163 18.25 0.79 -11.62
C ASP A 163 16.92 0.16 -11.24
N ALA A 164 15.89 0.98 -11.12
CA ALA A 164 14.58 0.48 -10.76
C ALA A 164 13.94 -0.15 -11.99
N GLY A 165 12.98 -1.04 -11.77
CA GLY A 165 12.33 -1.68 -12.89
C GLY A 165 12.13 -3.16 -12.66
N VAL A 166 11.51 -3.80 -13.64
CA VAL A 166 11.25 -5.22 -13.52
C VAL A 166 12.45 -6.02 -13.96
N TYR A 167 12.93 -6.91 -13.09
CA TYR A 167 14.07 -7.75 -13.43
C TYR A 167 13.55 -9.16 -13.73
N SER A 168 13.91 -9.69 -14.89
CA SER A 168 13.49 -11.02 -15.29
C SER A 168 14.62 -12.01 -15.01
N ALA A 169 14.30 -13.29 -15.02
CA ALA A 169 15.27 -14.33 -14.78
C ALA A 169 14.76 -15.60 -15.43
N ARG A 170 15.66 -16.33 -16.09
CA ARG A 170 15.28 -17.58 -16.75
C ARG A 170 16.48 -18.26 -17.39
N TYR A 171 16.25 -19.43 -17.99
CA TYR A 171 17.30 -20.15 -18.67
C TYR A 171 17.29 -19.56 -20.07
N ILE A 172 18.47 -19.50 -20.69
CA ILE A 172 18.62 -18.92 -22.02
C ILE A 172 17.61 -19.41 -23.08
N GLY A 173 17.28 -20.70 -23.07
CA GLY A 173 16.35 -21.21 -24.05
C GLY A 173 14.89 -20.81 -23.90
N GLY A 174 14.56 -20.07 -22.85
CA GLY A 174 13.16 -19.68 -22.64
C GLY A 174 12.76 -18.37 -23.30
N ASN A 175 11.68 -17.79 -22.80
CA ASN A 175 11.18 -16.51 -23.32
C ASN A 175 10.50 -15.72 -22.20
N LEU A 176 9.97 -14.54 -22.52
CA LEU A 176 9.33 -13.70 -21.50
C LEU A 176 8.19 -14.40 -20.75
N PHE A 177 7.28 -15.02 -21.50
CA PHE A 177 6.13 -15.72 -20.91
C PHE A 177 6.52 -16.79 -19.90
N THR A 178 7.82 -17.04 -19.77
CA THR A 178 8.28 -18.06 -18.84
C THR A 178 9.39 -17.58 -17.91
N SER A 179 9.48 -16.28 -17.69
CA SER A 179 10.51 -15.73 -16.82
C SER A 179 9.98 -15.52 -15.41
N ALA A 180 10.90 -15.24 -14.49
CA ALA A 180 10.54 -14.97 -13.12
C ALA A 180 10.65 -13.45 -13.06
N PHE A 181 9.72 -12.79 -12.37
CA PHE A 181 9.76 -11.32 -12.30
C PHE A 181 9.95 -10.73 -10.91
N THR A 182 10.74 -9.66 -10.83
CA THR A 182 10.97 -8.95 -9.57
C THR A 182 11.10 -7.46 -9.82
N ARG A 183 10.41 -6.69 -9.00
CA ARG A 183 10.42 -5.24 -9.13
C ARG A 183 11.23 -4.54 -8.05
N LEU A 184 12.25 -3.80 -8.48
CA LEU A 184 13.10 -3.05 -7.57
C LEU A 184 12.52 -1.64 -7.53
N ILE A 185 12.24 -1.15 -6.33
CA ILE A 185 11.70 0.19 -6.15
C ILE A 185 12.77 0.99 -5.41
N VAL A 186 13.31 2.00 -6.09
CA VAL A 186 14.37 2.83 -5.50
C VAL A 186 13.91 4.21 -5.09
N ARG A 187 13.89 4.50 -3.79
CA ARG A 187 13.49 5.82 -3.34
C ARG A 187 14.50 6.84 -3.86
N ARG A 188 14.02 8.01 -4.27
CA ARG A 188 14.92 9.04 -4.79
C ARG A 188 15.79 9.73 -3.73
N CYS A 189 15.54 9.40 -2.46
CA CYS A 189 16.31 9.98 -1.36
C CYS A 189 16.89 8.85 -0.51
N GLU A 190 17.88 9.17 0.32
CA GLU A 190 18.48 8.16 1.15
C GLU A 190 17.52 7.90 2.30
N ALA A 191 17.87 6.96 3.17
CA ALA A 191 17.02 6.61 4.31
C ALA A 191 16.59 7.81 5.14
N GLN A 192 15.33 7.78 5.58
CA GLN A 192 14.77 8.82 6.41
C GLN A 192 14.75 10.23 5.82
N LYS A 193 15.24 10.40 4.60
CA LYS A 193 15.24 11.72 3.97
C LYS A 193 14.11 11.88 2.97
N TRP A 194 13.62 13.11 2.78
CA TRP A 194 12.53 13.39 1.86
C TRP A 194 12.56 14.87 1.50
N GLY A 195 11.87 15.24 0.42
CA GLY A 195 11.83 16.63 -0.01
C GLY A 195 12.36 16.79 -1.42
N PRO A 196 12.06 17.90 -2.11
CA PRO A 196 12.54 18.09 -3.48
C PRO A 196 14.07 18.09 -3.56
N GLU A 197 14.70 18.21 -2.40
CA GLU A 197 16.16 18.22 -2.28
C GLU A 197 16.61 17.28 -1.15
N CYS A 198 15.76 16.33 -0.81
CA CYS A 198 16.05 15.35 0.25
C CYS A 198 16.60 16.05 1.48
N ASN A 199 16.12 17.28 1.68
CA ASN A 199 16.55 18.11 2.80
C ASN A 199 15.76 17.93 4.10
N HIS A 200 14.85 16.96 4.16
CA HIS A 200 14.06 16.80 5.38
C HIS A 200 14.06 15.42 6.04
N LEU A 201 13.73 15.42 7.33
CA LEU A 201 13.69 14.21 8.15
C LEU A 201 12.30 13.56 8.19
N CYS A 202 12.23 12.35 7.67
CA CYS A 202 10.99 11.57 7.62
C CYS A 202 10.30 11.34 8.94
N THR A 203 9.07 10.88 8.86
CA THR A 203 8.31 10.54 10.05
C THR A 203 8.80 9.13 10.28
N ALA A 204 9.20 8.81 11.50
CA ALA A 204 9.70 7.48 11.79
C ALA A 204 8.62 6.39 11.66
N CYS A 205 8.67 5.60 10.59
CA CYS A 205 7.69 4.54 10.38
C CYS A 205 8.12 3.23 10.98
N MET A 206 7.33 2.70 11.91
CA MET A 206 7.62 1.41 12.52
C MET A 206 6.81 0.34 11.77
N ASN A 207 6.98 -0.92 12.15
CA ASN A 207 6.26 -2.03 11.54
C ASN A 207 6.39 -2.18 10.02
N ASN A 208 7.53 -1.75 9.49
CA ASN A 208 7.86 -1.83 8.07
C ASN A 208 7.15 -0.93 7.09
N GLY A 209 6.53 0.13 7.58
CA GLY A 209 5.89 1.06 6.68
C GLY A 209 7.05 1.82 6.07
N VAL A 210 6.85 2.49 4.94
CA VAL A 210 7.95 3.22 4.35
C VAL A 210 7.56 4.69 4.22
N CYS A 211 8.58 5.54 4.13
CA CYS A 211 8.39 6.98 4.02
C CYS A 211 8.39 7.46 2.58
N HIS A 212 7.39 8.24 2.23
CA HIS A 212 7.22 8.76 0.89
C HIS A 212 8.13 9.98 0.68
N GLU A 213 9.01 9.90 -0.32
CA GLU A 213 9.96 10.98 -0.58
C GLU A 213 9.39 12.36 -0.89
N ASP A 214 8.12 12.43 -1.31
CA ASP A 214 7.53 13.72 -1.62
C ASP A 214 6.67 14.28 -0.48
N THR A 215 6.59 13.57 0.65
CA THR A 215 5.76 14.05 1.75
C THR A 215 6.33 13.83 3.15
N GLY A 216 7.15 12.79 3.31
CA GLY A 216 7.72 12.51 4.61
C GLY A 216 6.75 11.69 5.44
N GLU A 217 5.54 11.51 4.94
CA GLU A 217 4.56 10.73 5.66
C GLU A 217 4.66 9.23 5.33
N CYS A 218 4.26 8.37 6.28
CA CYS A 218 4.35 6.92 6.09
C CYS A 218 3.22 6.19 5.39
N ILE A 219 3.61 5.13 4.69
CA ILE A 219 2.67 4.26 4.01
C ILE A 219 2.81 2.95 4.77
N CYS A 220 1.78 2.61 5.54
CA CYS A 220 1.79 1.40 6.38
C CYS A 220 1.37 0.12 5.72
N PRO A 221 1.89 -1.00 6.24
CA PRO A 221 1.53 -2.30 5.66
C PRO A 221 0.08 -2.60 6.04
N PRO A 222 -0.58 -3.50 5.29
CA PRO A 222 -1.97 -3.84 5.62
C PRO A 222 -2.06 -4.40 7.02
N GLY A 223 -2.90 -3.78 7.85
CA GLY A 223 -3.05 -4.25 9.22
C GLY A 223 -2.65 -3.25 10.27
N PHE A 224 -1.93 -2.20 9.88
CA PHE A 224 -1.51 -1.16 10.81
C PHE A 224 -1.97 0.17 10.27
N MET A 225 -1.92 1.21 11.09
CA MET A 225 -2.33 2.54 10.65
C MET A 225 -1.79 3.57 11.64
N GLY A 226 -2.08 4.84 11.40
CA GLY A 226 -1.58 5.88 12.28
C GLY A 226 -0.35 6.52 11.65
N ARG A 227 -0.06 7.76 12.04
CA ARG A 227 1.08 8.49 11.48
C ARG A 227 2.40 7.74 11.42
N THR A 228 2.64 6.85 12.37
CA THR A 228 3.88 6.12 12.39
C THR A 228 3.70 4.62 12.30
N CYS A 229 2.55 4.21 11.78
CA CYS A 229 2.23 2.79 11.61
C CYS A 229 2.32 1.92 12.87
N GLU A 230 2.01 2.48 14.03
CA GLU A 230 2.11 1.69 15.26
C GLU A 230 0.78 1.14 15.76
N LYS A 231 -0.33 1.63 15.24
CA LYS A 231 -1.64 1.16 15.67
C LYS A 231 -1.99 -0.17 15.01
N ALA A 232 -2.11 -1.22 15.81
CA ALA A 232 -2.46 -2.53 15.26
C ALA A 232 -3.93 -2.49 14.99
N CYS A 233 -4.32 -2.82 13.76
CA CYS A 233 -5.71 -2.81 13.37
C CYS A 233 -6.48 -4.06 13.77
N GLU A 234 -7.77 -4.08 13.43
CA GLU A 234 -8.60 -5.25 13.73
C GLU A 234 -8.02 -6.34 12.85
N LEU A 235 -8.09 -7.59 13.32
CA LEU A 235 -7.51 -8.71 12.59
C LEU A 235 -7.34 -8.73 11.07
N HIS A 236 -8.35 -9.08 10.32
CA HIS A 236 -8.12 -9.18 8.89
C HIS A 236 -8.53 -7.99 8.05
N THR A 237 -7.86 -6.87 8.22
CA THR A 237 -8.23 -5.68 7.47
C THR A 237 -7.09 -5.04 6.71
N PHE A 238 -7.43 -4.01 5.94
CA PHE A 238 -6.45 -3.26 5.19
C PHE A 238 -7.04 -1.92 4.84
N GLY A 239 -6.26 -1.05 4.20
CA GLY A 239 -6.75 0.29 3.87
C GLY A 239 -6.22 1.26 4.93
N ARG A 240 -5.83 2.46 4.51
CA ARG A 240 -5.29 3.45 5.44
C ARG A 240 -6.02 3.60 6.76
N THR A 241 -7.35 3.46 6.76
CA THR A 241 -8.14 3.59 7.99
C THR A 241 -8.61 2.21 8.46
N CYS A 242 -8.10 1.17 7.80
CA CYS A 242 -8.42 -0.22 8.11
C CYS A 242 -9.91 -0.55 8.08
N LYS A 243 -10.64 0.06 7.15
CA LYS A 243 -12.06 -0.19 7.02
C LYS A 243 -12.40 -1.16 5.90
N GLU A 244 -11.41 -1.87 5.39
CA GLU A 244 -11.62 -2.87 4.36
C GLU A 244 -11.44 -4.21 5.06
N ARG A 245 -12.14 -5.25 4.62
CA ARG A 245 -11.99 -6.55 5.26
C ARG A 245 -11.72 -7.66 4.27
N CYS A 246 -10.72 -8.48 4.57
CA CYS A 246 -10.40 -9.59 3.69
C CYS A 246 -11.55 -10.57 3.71
N SER A 247 -12.18 -10.77 2.55
CA SER A 247 -13.29 -11.69 2.41
C SER A 247 -12.78 -13.12 2.47
N GLY A 248 -13.37 -13.91 3.36
CA GLY A 248 -12.95 -15.28 3.51
C GLY A 248 -12.83 -15.64 4.98
N GLN A 249 -13.10 -16.91 5.28
CA GLN A 249 -13.03 -17.42 6.65
C GLN A 249 -11.58 -17.60 7.08
N GLU A 250 -10.65 -17.42 6.15
CA GLU A 250 -9.22 -17.60 6.42
C GLU A 250 -8.41 -16.32 6.57
N GLY A 251 -9.08 -15.18 6.75
CA GLY A 251 -8.37 -13.93 6.90
C GLY A 251 -7.87 -13.40 5.58
N CYS A 252 -6.65 -12.84 5.57
CA CYS A 252 -6.07 -12.28 4.35
C CYS A 252 -5.06 -13.27 3.78
N LYS A 253 -5.22 -14.55 4.13
CA LYS A 253 -4.30 -15.58 3.69
C LYS A 253 -3.82 -15.55 2.24
N SER A 254 -4.67 -15.84 1.27
CA SER A 254 -4.15 -15.84 -0.09
C SER A 254 -4.25 -14.52 -0.83
N TYR A 255 -4.07 -13.41 -0.10
CA TYR A 255 -4.13 -12.06 -0.69
C TYR A 255 -2.76 -11.40 -0.71
N VAL A 256 -2.43 -10.74 -1.81
CA VAL A 256 -1.16 -10.02 -1.92
C VAL A 256 -1.52 -8.56 -2.14
N PHE A 257 -1.08 -7.69 -1.26
CA PHE A 257 -1.42 -6.27 -1.43
C PHE A 257 -0.27 -5.43 -1.95
N CYS A 258 -0.58 -4.56 -2.90
CA CYS A 258 0.41 -3.64 -3.46
C CYS A 258 -0.16 -2.25 -3.21
N LEU A 259 0.64 -1.37 -2.63
CA LEU A 259 0.17 -0.02 -2.33
C LEU A 259 0.93 0.98 -3.18
N PRO A 260 0.61 2.28 -3.06
CA PRO A 260 1.33 3.28 -3.85
C PRO A 260 2.86 3.09 -3.78
N ASP A 261 3.46 3.19 -4.96
CA ASP A 261 4.87 2.97 -5.23
C ASP A 261 6.03 2.92 -4.24
N PRO A 262 6.27 3.97 -3.44
CA PRO A 262 7.43 3.80 -2.53
C PRO A 262 7.39 2.53 -1.67
N TYR A 263 6.22 1.90 -1.59
CA TYR A 263 5.98 0.70 -0.79
C TYR A 263 6.11 -0.64 -1.53
N GLY A 264 5.44 -0.74 -2.66
CA GLY A 264 5.49 -1.98 -3.43
C GLY A 264 4.42 -2.96 -3.01
N CYS A 265 4.75 -4.25 -3.03
CA CYS A 265 3.77 -5.26 -2.65
C CYS A 265 4.27 -6.04 -1.43
N SER A 266 3.37 -6.77 -0.79
CA SER A 266 3.70 -7.60 0.36
C SER A 266 2.44 -8.32 0.82
N CYS A 267 2.60 -9.19 1.80
CA CYS A 267 1.47 -9.90 2.36
C CYS A 267 0.90 -8.97 3.40
N ALA A 268 -0.28 -9.29 3.92
CA ALA A 268 -0.82 -8.45 4.96
C ALA A 268 -0.07 -8.93 6.20
N THR A 269 -0.18 -8.20 7.29
CA THR A 269 0.47 -8.54 8.53
C THR A 269 0.09 -9.98 8.90
N GLY A 270 1.07 -10.75 9.37
CA GLY A 270 0.81 -12.12 9.77
C GLY A 270 0.95 -13.22 8.73
N TRP A 271 1.34 -12.86 7.51
CA TRP A 271 1.47 -13.83 6.42
C TRP A 271 2.74 -13.63 5.61
N LYS A 272 3.20 -14.69 4.94
CA LYS A 272 4.42 -14.59 4.14
C LYS A 272 4.51 -15.54 2.95
N GLY A 273 5.54 -15.30 2.16
CA GLY A 273 5.82 -16.10 0.98
C GLY A 273 5.04 -15.59 -0.21
N LEU A 274 5.52 -15.92 -1.41
CA LEU A 274 4.79 -15.54 -2.61
C LEU A 274 3.49 -16.28 -2.36
N GLN A 275 2.36 -15.70 -2.70
CA GLN A 275 1.08 -16.38 -2.46
C GLN A 275 0.62 -16.06 -1.03
N CYS A 276 1.55 -15.68 -0.17
CA CYS A 276 1.18 -15.30 1.18
C CYS A 276 0.37 -16.37 1.93
N ASN A 277 0.52 -17.62 1.57
CA ASN A 277 -0.25 -18.66 2.22
C ASN A 277 0.40 -19.25 3.47
N GLU A 278 1.58 -18.77 3.82
CA GLU A 278 2.27 -19.31 4.98
C GLU A 278 2.12 -18.47 6.23
N ALA A 279 1.73 -19.09 7.34
CA ALA A 279 1.57 -18.38 8.60
C ALA A 279 2.97 -18.17 9.16
N CYS A 280 3.08 -17.47 10.28
CA CYS A 280 4.39 -17.20 10.85
C CYS A 280 4.84 -18.01 12.03
N HIS A 281 6.15 -18.25 12.09
CA HIS A 281 6.71 -18.99 13.18
C HIS A 281 6.72 -18.01 14.35
N PRO A 282 6.61 -18.54 15.59
CA PRO A 282 6.61 -17.77 16.84
C PRO A 282 7.70 -16.71 16.96
N GLY A 283 7.30 -15.52 17.40
CA GLY A 283 8.23 -14.43 17.57
C GLY A 283 8.26 -13.41 16.46
N PHE A 284 7.46 -13.61 15.41
CA PHE A 284 7.46 -12.67 14.30
C PHE A 284 6.04 -12.16 14.03
N TYR A 285 5.90 -10.98 13.44
CA TYR A 285 4.55 -10.47 13.22
C TYR A 285 4.16 -9.49 12.09
N GLY A 286 5.08 -8.74 11.52
CA GLY A 286 4.63 -7.80 10.50
C GLY A 286 4.29 -8.36 9.13
N PRO A 287 4.31 -7.51 8.08
CA PRO A 287 4.02 -7.95 6.71
C PRO A 287 5.16 -8.85 6.25
N ASP A 288 4.84 -9.95 5.56
CA ASP A 288 5.82 -10.91 5.09
C ASP A 288 6.61 -11.41 6.30
N CYS A 289 5.99 -11.26 7.46
CA CYS A 289 6.55 -11.66 8.74
C CYS A 289 8.01 -11.34 9.01
N LYS A 290 8.36 -10.11 8.68
CA LYS A 290 9.71 -9.60 8.85
C LYS A 290 10.00 -8.95 10.21
N LEU A 291 8.98 -8.62 10.98
CA LEU A 291 9.19 -7.98 12.28
C LEU A 291 9.42 -9.01 13.38
N ARG A 292 10.45 -8.80 14.20
CA ARG A 292 10.73 -9.71 15.28
C ARG A 292 10.18 -9.12 16.56
N CYS A 293 9.35 -9.87 17.28
CA CYS A 293 8.81 -9.37 18.53
C CYS A 293 9.94 -9.26 19.54
N SER A 294 9.77 -8.35 20.50
CA SER A 294 10.77 -8.17 21.54
C SER A 294 10.08 -7.57 22.74
N CYS A 295 9.07 -8.29 23.22
CA CYS A 295 8.30 -7.85 24.35
C CYS A 295 9.15 -7.97 25.61
N ASN A 296 9.61 -6.83 26.09
CA ASN A 296 10.47 -6.74 27.28
C ASN A 296 10.23 -7.76 28.40
N ASN A 297 8.98 -8.14 28.64
CA ASN A 297 8.70 -9.09 29.70
C ASN A 297 8.16 -10.43 29.30
N GLY A 298 8.35 -10.80 28.04
CA GLY A 298 7.85 -12.08 27.57
C GLY A 298 6.37 -12.09 27.20
N GLU A 299 5.82 -10.91 26.96
CA GLU A 299 4.43 -10.78 26.59
C GLU A 299 4.13 -11.48 25.27
N MET A 300 2.89 -11.92 25.12
CA MET A 300 2.41 -12.60 23.91
C MET A 300 2.84 -11.89 22.65
N CYS A 301 3.27 -12.67 21.67
CA CYS A 301 3.66 -12.11 20.39
C CYS A 301 2.63 -12.61 19.39
N ASP A 302 1.69 -11.74 19.02
CA ASP A 302 0.68 -12.13 18.06
C ASP A 302 1.19 -11.81 16.66
N ARG A 303 1.13 -12.79 15.77
CA ARG A 303 1.61 -12.67 14.40
C ARG A 303 1.02 -11.50 13.60
N PHE A 304 -0.11 -10.97 14.05
CA PHE A 304 -0.74 -9.86 13.32
C PHE A 304 -0.50 -8.49 13.95
N GLN A 305 -0.66 -8.39 15.26
CA GLN A 305 -0.51 -7.11 15.94
C GLN A 305 0.81 -6.87 16.65
N GLY A 306 1.55 -7.95 16.90
CA GLY A 306 2.82 -7.82 17.59
C GLY A 306 2.72 -8.19 19.06
N CYS A 307 3.35 -7.39 19.92
CA CYS A 307 3.31 -7.66 21.36
C CYS A 307 1.98 -7.29 21.99
N LEU A 308 1.42 -8.23 22.74
CA LEU A 308 0.18 -8.01 23.44
C LEU A 308 0.57 -7.67 24.87
N CYS A 309 0.65 -6.38 25.17
CA CYS A 309 1.07 -5.90 26.48
C CYS A 309 0.05 -6.13 27.60
N SER A 310 0.53 -6.08 28.84
CA SER A 310 -0.35 -6.27 29.99
C SER A 310 -0.89 -4.92 30.46
N PRO A 311 -1.96 -4.93 31.27
CA PRO A 311 -2.54 -3.69 31.75
C PRO A 311 -1.46 -2.69 32.18
N GLY A 312 -1.58 -1.45 31.71
CA GLY A 312 -0.63 -0.43 32.08
C GLY A 312 0.55 -0.18 31.15
N TRP A 313 0.76 -1.05 30.17
CA TRP A 313 1.90 -0.87 29.26
C TRP A 313 1.57 -0.87 27.77
N GLN A 314 1.97 0.20 27.10
CA GLN A 314 1.74 0.40 25.68
C GLN A 314 3.09 0.29 24.98
N GLY A 315 3.15 0.63 23.70
CA GLY A 315 4.42 0.57 22.97
C GLY A 315 4.67 -0.69 22.17
N LEU A 316 5.61 -0.63 21.23
CA LEU A 316 5.93 -1.76 20.38
C LEU A 316 6.48 -2.94 21.18
N GLN A 317 7.30 -2.65 22.19
CA GLN A 317 7.87 -3.72 23.01
C GLN A 317 7.38 -3.69 24.45
N CYS A 318 6.27 -2.98 24.67
CA CYS A 318 5.68 -2.86 25.99
C CYS A 318 6.69 -2.19 26.88
N GLU A 319 7.30 -1.14 26.37
CA GLU A 319 8.31 -0.40 27.12
C GLU A 319 7.85 0.95 27.65
N ARG A 320 6.59 1.31 27.42
CA ARG A 320 6.08 2.60 27.87
C ARG A 320 4.91 2.54 28.87
N GLU A 321 4.72 3.64 29.60
CA GLU A 321 3.63 3.72 30.56
C GLU A 321 2.80 4.96 30.28
N GLY A 322 2.61 5.81 31.28
CA GLY A 322 1.82 7.02 31.07
C GLY A 322 0.46 6.80 30.40
N ILE A 323 -0.22 7.91 30.12
CA ILE A 323 -1.53 7.87 29.50
C ILE A 323 -1.54 6.99 28.24
N PRO A 324 -2.45 6.00 28.19
CA PRO A 324 -2.53 5.12 27.02
C PRO A 324 -3.20 5.84 25.83
N ARG A 325 -2.79 5.50 24.61
CA ARG A 325 -3.33 6.12 23.42
C ARG A 325 -4.80 5.82 23.12
N MET A 326 -5.44 6.75 22.41
CA MET A 326 -6.82 6.62 22.00
C MET A 326 -6.90 7.03 20.54
N THR A 327 -7.38 6.15 19.67
CA THR A 327 -7.50 6.49 18.26
C THR A 327 -8.40 7.72 18.12
N PRO A 328 -8.14 8.60 17.14
CA PRO A 328 -9.01 9.76 17.01
C PRO A 328 -10.45 9.35 16.82
N LYS A 329 -11.35 10.29 17.01
CA LYS A 329 -12.77 10.02 16.88
C LYS A 329 -13.45 11.32 16.41
N ILE A 330 -14.15 11.26 15.29
CA ILE A 330 -14.82 12.47 14.80
C ILE A 330 -16.13 12.58 15.57
N VAL A 331 -16.26 13.63 16.37
CA VAL A 331 -17.47 13.80 17.18
C VAL A 331 -18.33 15.00 16.80
N ASP A 332 -19.65 14.81 16.90
CA ASP A 332 -20.65 15.85 16.61
C ASP A 332 -20.81 16.25 15.14
N LEU A 333 -20.46 15.36 14.21
CA LEU A 333 -20.57 15.63 12.78
C LEU A 333 -21.88 15.10 12.23
N PRO A 334 -22.74 15.99 11.70
CA PRO A 334 -24.04 15.61 11.15
C PRO A 334 -23.95 14.67 9.96
N ASP A 335 -25.09 14.12 9.54
CA ASP A 335 -25.13 13.24 8.38
C ASP A 335 -25.41 14.12 7.16
N HIS A 336 -25.98 15.29 7.41
CA HIS A 336 -26.33 16.25 6.36
C HIS A 336 -26.12 17.67 6.87
N ILE A 337 -25.91 18.64 5.98
CA ILE A 337 -25.71 20.00 6.44
C ILE A 337 -26.67 21.01 5.84
N GLU A 338 -26.84 20.98 4.52
CA GLU A 338 -27.72 21.92 3.81
C GLU A 338 -27.27 23.36 4.05
N VAL A 339 -26.54 23.93 3.09
CA VAL A 339 -26.07 25.30 3.25
C VAL A 339 -26.25 26.11 1.97
N ASN A 340 -26.42 27.42 2.10
CA ASN A 340 -26.59 28.28 0.93
C ASN A 340 -25.24 28.69 0.38
N SER A 341 -25.20 28.93 -0.93
CA SER A 341 -23.97 29.33 -1.61
C SER A 341 -23.36 30.58 -1.01
N GLY A 342 -22.05 30.54 -0.83
CA GLY A 342 -21.34 31.68 -0.27
C GLY A 342 -20.25 31.24 0.67
N LYS A 343 -19.80 32.15 1.54
CA LYS A 343 -18.78 31.83 2.52
C LYS A 343 -19.26 30.59 3.26
N PHE A 344 -18.35 29.63 3.47
CA PHE A 344 -18.68 28.41 4.20
C PHE A 344 -17.55 28.11 5.17
N ASN A 345 -17.89 27.84 6.43
CA ASN A 345 -16.89 27.57 7.44
C ASN A 345 -17.24 26.36 8.27
N PRO A 346 -16.97 25.17 7.74
CA PRO A 346 -17.25 23.90 8.40
C PRO A 346 -16.24 23.56 9.48
N ILE A 347 -16.66 22.73 10.42
CA ILE A 347 -15.77 22.33 11.49
C ILE A 347 -15.76 20.82 11.66
N CYS A 348 -14.59 20.28 11.97
CA CYS A 348 -14.45 18.86 12.24
C CYS A 348 -14.04 18.88 13.70
N LYS A 349 -14.52 17.93 14.48
CA LYS A 349 -14.14 17.89 15.89
C LYS A 349 -13.70 16.49 16.23
N ALA A 350 -12.52 16.35 16.81
CA ALA A 350 -12.00 15.03 17.14
C ALA A 350 -11.40 14.90 18.53
N SER A 351 -11.61 13.72 19.12
CA SER A 351 -11.07 13.40 20.41
C SER A 351 -9.91 12.44 20.19
N GLY A 352 -9.30 11.96 21.27
CA GLY A 352 -8.17 11.03 21.17
C GLY A 352 -7.14 11.50 22.17
N TRP A 353 -6.32 10.61 22.73
CA TRP A 353 -5.36 11.13 23.70
C TRP A 353 -4.26 11.93 23.07
N PRO A 354 -3.58 11.35 22.07
CA PRO A 354 -2.53 12.20 21.50
C PRO A 354 -3.15 13.43 20.82
N LEU A 355 -4.37 13.77 21.23
CA LEU A 355 -5.13 14.92 20.72
C LEU A 355 -4.60 15.45 19.41
N PRO A 356 -5.37 15.26 18.33
CA PRO A 356 -4.92 15.76 17.04
C PRO A 356 -4.48 17.21 17.11
N THR A 357 -3.35 17.49 16.48
CA THR A 357 -2.79 18.83 16.43
C THR A 357 -3.38 19.45 15.16
N ASN A 358 -3.02 20.68 14.85
CA ASN A 358 -3.53 21.34 13.65
C ASN A 358 -3.04 20.74 12.33
N GLU A 359 -1.84 20.17 12.36
CA GLU A 359 -1.25 19.60 11.14
C GLU A 359 -1.81 18.20 10.84
N GLU A 360 -2.66 17.67 11.71
CA GLU A 360 -3.21 16.33 11.53
C GLU A 360 -4.70 16.26 11.18
N MET A 361 -5.30 17.42 10.93
CA MET A 361 -6.71 17.48 10.60
C MET A 361 -6.88 18.05 9.20
N THR A 362 -7.71 17.40 8.40
CA THR A 362 -7.97 17.85 7.05
C THR A 362 -9.43 17.63 6.69
N LEU A 363 -9.90 18.35 5.69
CA LEU A 363 -11.26 18.21 5.22
C LEU A 363 -11.09 17.89 3.74
N VAL A 364 -11.65 16.76 3.28
CA VAL A 364 -11.53 16.37 1.89
C VAL A 364 -12.84 16.58 1.16
N LYS A 365 -12.78 17.26 0.01
CA LYS A 365 -13.97 17.55 -0.80
C LYS A 365 -14.38 16.32 -1.63
N PRO A 366 -15.63 16.28 -2.09
CA PRO A 366 -16.08 15.13 -2.88
C PRO A 366 -15.18 14.84 -4.06
N ASP A 367 -14.63 15.89 -4.67
CA ASP A 367 -13.78 15.68 -5.84
C ASP A 367 -12.30 15.48 -5.50
N GLY A 368 -12.03 15.14 -4.24
CA GLY A 368 -10.65 14.88 -3.86
C GLY A 368 -9.82 16.01 -3.27
N THR A 369 -10.23 17.26 -3.44
CA THR A 369 -9.47 18.38 -2.90
C THR A 369 -9.23 18.20 -1.40
N VAL A 370 -8.02 18.50 -0.93
CA VAL A 370 -7.73 18.37 0.49
C VAL A 370 -7.53 19.73 1.14
N LEU A 371 -8.38 20.05 2.11
CA LEU A 371 -8.29 21.34 2.78
C LEU A 371 -7.69 21.24 4.17
N HIS A 372 -6.91 22.24 4.53
CA HIS A 372 -6.28 22.30 5.84
C HIS A 372 -7.02 23.35 6.65
N PRO A 373 -6.99 23.25 7.99
CA PRO A 373 -7.68 24.22 8.85
C PRO A 373 -7.16 25.66 8.67
N LYS A 374 -8.01 26.65 8.97
CA LYS A 374 -7.60 28.04 8.86
C LYS A 374 -7.41 28.61 10.26
N ASP A 375 -8.11 28.02 11.21
CA ASP A 375 -8.02 28.40 12.61
C ASP A 375 -8.09 27.08 13.38
N PHE A 376 -7.65 27.09 14.64
CA PHE A 376 -7.63 25.86 15.41
C PHE A 376 -7.60 26.11 16.92
N ASN A 377 -8.14 25.16 17.68
CA ASN A 377 -8.15 25.26 19.13
C ASN A 377 -8.64 23.94 19.71
N HIS A 378 -8.26 23.66 20.95
CA HIS A 378 -8.69 22.42 21.58
C HIS A 378 -9.19 22.62 23.00
N THR A 379 -10.38 22.11 23.27
CA THR A 379 -10.99 22.23 24.58
C THR A 379 -10.35 21.21 25.53
N ASP A 380 -11.10 20.88 26.59
CA ASP A 380 -10.66 19.92 27.59
C ASP A 380 -9.99 18.70 26.94
N HIS A 381 -10.69 18.06 26.01
CA HIS A 381 -10.15 16.91 25.30
C HIS A 381 -10.90 16.66 23.99
N PHE A 382 -10.92 17.69 23.16
CA PHE A 382 -11.55 17.68 21.84
C PHE A 382 -10.78 18.69 21.02
N SER A 383 -10.30 18.29 19.83
CA SER A 383 -9.58 19.21 18.96
C SER A 383 -10.59 19.74 17.97
N VAL A 384 -10.49 21.02 17.65
CA VAL A 384 -11.42 21.62 16.72
C VAL A 384 -10.71 22.40 15.63
N ALA A 385 -10.81 21.92 14.40
CA ALA A 385 -10.20 22.59 13.28
C ALA A 385 -11.31 23.31 12.55
N ILE A 386 -11.04 24.52 12.07
CA ILE A 386 -12.07 25.25 11.34
C ILE A 386 -11.58 25.52 9.91
N PHE A 387 -12.40 25.14 8.94
CA PHE A 387 -12.05 25.32 7.54
C PHE A 387 -12.80 26.46 6.91
N THR A 388 -12.17 27.07 5.91
CA THR A 388 -12.79 28.19 5.22
C THR A 388 -12.87 28.00 3.72
N ILE A 389 -14.09 27.97 3.20
CA ILE A 389 -14.29 27.84 1.76
C ILE A 389 -14.80 29.19 1.28
N HIS A 390 -14.02 29.83 0.42
CA HIS A 390 -14.35 31.12 -0.14
C HIS A 390 -15.84 31.22 -0.49
N ARG A 391 -16.23 30.57 -1.59
CA ARG A 391 -17.61 30.58 -2.06
C ARG A 391 -18.08 29.17 -2.43
N ILE A 392 -18.64 28.43 -1.49
CA ILE A 392 -19.11 27.09 -1.81
C ILE A 392 -20.29 27.20 -2.79
N LEU A 393 -20.18 26.49 -3.91
CA LEU A 393 -21.19 26.52 -4.96
C LEU A 393 -22.00 25.23 -5.02
N PRO A 394 -23.12 25.24 -5.75
CA PRO A 394 -24.02 24.11 -5.92
C PRO A 394 -23.38 22.77 -6.32
N PRO A 395 -22.54 22.78 -7.38
CA PRO A 395 -21.91 21.51 -7.79
C PRO A 395 -21.01 20.86 -6.75
N ASP A 396 -20.43 21.66 -5.84
CA ASP A 396 -19.55 21.14 -4.80
C ASP A 396 -20.29 20.25 -3.79
N SER A 397 -21.61 20.28 -3.83
CA SER A 397 -22.39 19.47 -2.90
C SER A 397 -22.18 17.98 -3.16
N GLY A 398 -21.97 17.23 -2.09
CA GLY A 398 -21.76 15.81 -2.21
C GLY A 398 -21.35 15.29 -0.84
N VAL A 399 -20.59 14.20 -0.80
CA VAL A 399 -20.14 13.65 0.46
C VAL A 399 -18.72 14.09 0.81
N TRP A 400 -18.61 15.05 1.73
CA TRP A 400 -17.30 15.58 2.17
C TRP A 400 -16.79 14.70 3.28
N VAL A 401 -15.51 14.78 3.57
CA VAL A 401 -14.96 13.93 4.61
C VAL A 401 -13.97 14.60 5.56
N CYS A 402 -14.18 14.38 6.85
CA CYS A 402 -13.26 14.91 7.86
C CYS A 402 -12.22 13.83 8.04
N SER A 403 -10.96 14.21 8.10
CA SER A 403 -9.92 13.21 8.27
C SER A 403 -8.94 13.61 9.38
N VAL A 404 -8.74 12.71 10.33
CA VAL A 404 -7.82 12.93 11.45
C VAL A 404 -6.86 11.76 11.53
N ASN A 405 -5.55 12.07 11.58
CA ASN A 405 -4.51 11.05 11.65
C ASN A 405 -3.36 11.39 12.61
N THR A 406 -3.22 10.59 13.65
CA THR A 406 -2.18 10.77 14.67
C THR A 406 -1.43 9.45 14.86
N VAL A 407 -0.71 9.31 15.97
CA VAL A 407 0.01 8.06 16.21
C VAL A 407 -0.95 7.03 16.80
N ALA A 408 -2.14 7.46 17.17
CA ALA A 408 -3.08 6.51 17.76
C ALA A 408 -3.89 5.87 16.67
N GLY A 409 -3.64 6.27 15.43
CA GLY A 409 -4.38 5.73 14.31
C GLY A 409 -5.02 6.84 13.48
N MET A 410 -5.83 6.46 12.50
CA MET A 410 -6.49 7.43 11.65
C MET A 410 -8.01 7.19 11.57
N VAL A 411 -8.79 8.26 11.38
CA VAL A 411 -10.23 8.13 11.24
C VAL A 411 -10.79 9.10 10.21
N GLU A 412 -11.88 8.69 9.56
CA GLU A 412 -12.53 9.54 8.58
C GLU A 412 -14.02 9.44 8.79
N LYS A 413 -14.71 10.56 8.69
CA LYS A 413 -16.15 10.53 8.85
C LYS A 413 -16.72 11.30 7.68
N PRO A 414 -17.71 10.72 7.00
CA PRO A 414 -18.33 11.37 5.85
C PRO A 414 -19.65 12.04 6.18
N PHE A 415 -19.85 13.24 5.64
CA PHE A 415 -21.12 13.94 5.83
C PHE A 415 -21.53 14.51 4.47
N ASN A 416 -22.83 14.47 4.18
CA ASN A 416 -23.39 14.93 2.90
C ASN A 416 -23.75 16.40 3.00
N ILE A 417 -23.20 17.22 2.10
CA ILE A 417 -23.52 18.65 2.08
C ILE A 417 -24.36 18.99 0.85
N SER A 418 -25.47 19.70 1.08
CA SER A 418 -26.33 20.13 -0.02
C SER A 418 -26.22 21.62 -0.11
N VAL A 419 -25.95 22.10 -1.31
CA VAL A 419 -25.81 23.52 -1.53
C VAL A 419 -26.80 24.02 -2.54
N LYS A 420 -27.59 25.03 -2.16
CA LYS A 420 -28.55 25.64 -3.06
C LYS A 420 -28.30 27.12 -2.98
N VAL A 421 -28.77 27.85 -3.99
CA VAL A 421 -28.61 29.30 -3.98
C VAL A 421 -29.92 29.92 -3.49
N LEU A 422 -29.80 30.99 -2.71
CA LEU A 422 -30.96 31.68 -2.19
C LEU A 422 -31.76 32.26 -3.34
N PRO A 423 -33.10 32.11 -3.30
CA PRO A 423 -33.98 32.63 -4.35
C PRO A 423 -33.70 34.12 -4.65
#